data_6OL2
#
_entry.id   6OL2
#
_cell.length_a   38.925
_cell.length_b   60.204
_cell.length_c   65.502
_cell.angle_alpha   90.00
_cell.angle_beta   93.05
_cell.angle_gamma   90.00
#
_symmetry.space_group_name_H-M   'P 1 21 1'
#
loop_
_entity.id
_entity.type
_entity.pdbx_description
1 polymer 'Serine/threonine-protein kinase WNK1'
2 non-polymer N-[2-(5,8-dimethoxy-2-oxo-1,2-dihydroquinolin-3-yl)ethyl]-2-iodobenzamide
3 non-polymer GLYCEROL
4 non-polymer 'ACETATE ION'
5 water water
#
_entity_poly.entity_id   1
_entity_poly.type   'polypeptide(L)'
_entity_poly.pdbx_seq_one_letter_code
;QEERNQQQDDIEELETKAVGMSNDGRFLKFDIEIGRGSFKTVYKGLDTETTVEVAWCELQDRKLTKSERQRFKEEAEMLK
GLQHPNIVRFYDSWESTVKGKKCIVLVTELMTSGTLKTYLKRFKVMKIKVLRSWCRQILKGLQFLHTRTPPIIHRDLKCD
NIFITGPTGSVKIGDLGLATLKRASFAKAVIGTPEFMAPEMYEEKYDESVDVYAFGMCMLEMATSEYPYSECQNAAQIYR
RVTSGVKPASFDKVAIPEVKEIIEGCIRQNKDERYSIKDLLNHAFFQEET
;
_entity_poly.pdbx_strand_id   A
#
# COMPACT_ATOMS: atom_id res chain seq x y z
N ASP A 10 24.92 -21.93 -12.68
CA ASP A 10 23.90 -22.75 -11.97
C ASP A 10 23.66 -22.16 -10.60
N ILE A 11 22.47 -22.43 -10.03
CA ILE A 11 22.13 -21.98 -8.70
C ILE A 11 22.76 -22.93 -7.68
N GLU A 12 23.69 -22.41 -6.88
CA GLU A 12 24.11 -23.06 -5.65
C GLU A 12 22.96 -22.99 -4.64
N GLU A 13 22.72 -24.11 -3.95
CA GLU A 13 21.72 -24.19 -2.91
C GLU A 13 22.38 -24.56 -1.59
N LEU A 14 23.25 -23.67 -1.09
CA LEU A 14 24.09 -23.98 0.04
C LEU A 14 23.26 -24.00 1.32
N GLU A 15 22.35 -23.00 1.44
CA GLU A 15 21.56 -22.84 2.65
C GLU A 15 20.08 -22.88 2.30
N THR A 16 19.75 -22.49 1.06
CA THR A 16 18.37 -22.34 0.65
C THR A 16 18.11 -23.14 -0.62
N LYS A 17 17.03 -23.92 -0.61
CA LYS A 17 16.61 -24.69 -1.78
C LYS A 17 15.60 -23.88 -2.58
N ALA A 18 15.73 -23.93 -3.91
CA ALA A 18 14.69 -23.44 -4.79
C ALA A 18 13.50 -24.39 -4.75
N VAL A 19 12.30 -23.82 -4.60
CA VAL A 19 11.12 -24.61 -4.25
C VAL A 19 9.95 -24.24 -5.15
N GLY A 20 10.23 -23.43 -6.19
CA GLY A 20 9.21 -23.10 -7.18
C GLY A 20 9.77 -22.25 -8.31
N MET A 21 8.99 -22.14 -9.41
CA MET A 21 9.44 -21.48 -10.62
C MET A 21 8.23 -20.94 -11.38
N SER A 22 8.46 -19.86 -12.13
CA SER A 22 7.51 -19.43 -13.15
C SER A 22 7.48 -20.44 -14.29
N ASN A 23 6.51 -20.27 -15.19
CA ASN A 23 6.22 -21.27 -16.22
C ASN A 23 7.46 -21.49 -17.08
N ASP A 24 8.21 -20.41 -17.29
CA ASP A 24 9.35 -20.41 -18.19
C ASP A 24 10.62 -20.61 -17.37
N GLY A 25 10.46 -20.61 -16.04
CA GLY A 25 11.56 -20.83 -15.13
C GLY A 25 12.42 -19.58 -14.95
N ARG A 26 11.93 -18.45 -15.44
CA ARG A 26 12.65 -17.20 -15.31
C ARG A 26 12.76 -16.82 -13.84
N PHE A 27 11.66 -16.98 -13.09
CA PHE A 27 11.63 -16.63 -11.68
C PHE A 27 11.65 -17.89 -10.82
N LEU A 28 12.44 -17.85 -9.75
CA LEU A 28 12.52 -18.96 -8.81
C LEU A 28 12.13 -18.47 -7.41
N LYS A 29 11.49 -19.37 -6.67
CA LYS A 29 11.12 -19.13 -5.28
C LYS A 29 12.12 -19.82 -4.37
N PHE A 30 12.52 -19.15 -3.28
CA PHE A 30 13.37 -19.78 -2.28
C PHE A 30 12.59 -20.00 -1.00
N ASP A 31 13.00 -21.02 -0.24
CA ASP A 31 12.28 -21.42 0.97
C ASP A 31 12.73 -20.54 2.14
N ILE A 32 12.97 -19.26 1.84
CA ILE A 32 13.16 -18.24 2.86
C ILE A 32 11.96 -17.30 2.85
N GLU A 33 11.19 -17.30 3.94
CA GLU A 33 10.10 -16.35 4.10
C GLU A 33 10.67 -14.99 4.46
N ILE A 34 10.19 -13.95 3.78
CA ILE A 34 10.65 -12.58 4.01
C ILE A 34 9.71 -11.90 4.98
N GLY A 35 8.40 -12.19 4.84
CA GLY A 35 7.40 -11.53 5.66
C GLY A 35 6.02 -12.13 5.47
N ARG A 36 5.11 -11.79 6.39
CA ARG A 36 3.72 -12.24 6.36
C ARG A 36 2.84 -11.05 6.67
N GLY A 37 1.72 -10.94 5.96
CA GLY A 37 0.67 -10.01 6.31
C GLY A 37 -0.63 -10.33 5.59
N SER A 38 -1.71 -10.48 6.37
CA SER A 38 -3.05 -10.49 5.81
C SER A 38 -3.25 -11.77 5.01
N PHE A 39 -3.46 -11.59 3.70
CA PHE A 39 -3.79 -12.70 2.82
C PHE A 39 -2.64 -12.90 1.83
N LYS A 40 -1.41 -12.79 2.35
CA LYS A 40 -0.22 -13.07 1.56
C LYS A 40 0.95 -13.51 2.45
N THR A 41 1.81 -14.38 1.90
CA THR A 41 3.16 -14.61 2.39
C THR A 41 4.16 -14.24 1.30
N VAL A 42 5.27 -13.60 1.70
CA VAL A 42 6.27 -13.14 0.76
C VAL A 42 7.55 -13.97 0.96
N TYR A 43 8.11 -14.47 -0.15
CA TYR A 43 9.34 -15.26 -0.09
C TYR A 43 10.45 -14.52 -0.81
N LYS A 44 11.69 -14.88 -0.50
CA LYS A 44 12.84 -14.49 -1.31
C LYS A 44 12.78 -15.22 -2.64
N GLY A 45 13.02 -14.47 -3.72
CA GLY A 45 13.00 -15.02 -5.06
C GLY A 45 14.23 -14.56 -5.86
N LEU A 46 14.35 -15.06 -7.09
CA LEU A 46 15.44 -14.68 -7.97
C LEU A 46 14.93 -14.54 -9.40
N ASP A 47 15.31 -13.45 -10.05
CA ASP A 47 15.15 -13.30 -11.48
C ASP A 47 16.41 -13.79 -12.18
N THR A 48 16.31 -14.95 -12.84
CA THR A 48 17.50 -15.67 -13.27
C THR A 48 18.05 -15.02 -14.53
N GLU A 49 17.20 -14.31 -15.27
CA GLU A 49 17.63 -13.47 -16.37
C GLU A 49 18.73 -12.54 -15.91
N THR A 50 18.57 -11.99 -14.69
CA THR A 50 19.29 -10.78 -14.31
C THR A 50 20.15 -11.05 -13.09
N THR A 51 19.85 -12.14 -12.37
CA THR A 51 20.60 -12.49 -11.18
C THR A 51 20.21 -11.55 -10.04
N VAL A 52 19.05 -10.90 -10.18
CA VAL A 52 18.59 -9.93 -9.20
C VAL A 52 17.52 -10.57 -8.33
N GLU A 53 17.67 -10.42 -7.02
CA GLU A 53 16.71 -10.94 -6.05
C GLU A 53 15.40 -10.13 -6.16
N VAL A 54 14.28 -10.85 -6.03
CA VAL A 54 12.96 -10.25 -6.09
C VAL A 54 12.14 -10.76 -4.92
N ALA A 55 10.96 -10.15 -4.71
CA ALA A 55 9.97 -10.67 -3.80
C ALA A 55 9.04 -11.63 -4.54
N TRP A 56 8.89 -12.83 -3.97
CA TRP A 56 7.92 -13.81 -4.44
C TRP A 56 6.73 -13.82 -3.48
N CYS A 57 5.66 -13.12 -3.88
CA CYS A 57 4.51 -12.88 -3.02
C CYS A 57 3.42 -13.89 -3.35
N GLU A 58 3.01 -14.67 -2.33
CA GLU A 58 1.93 -15.63 -2.51
C GLU A 58 0.68 -15.13 -1.79
N LEU A 59 -0.37 -14.87 -2.58
CA LEU A 59 -1.65 -14.43 -2.06
C LEU A 59 -2.47 -15.64 -1.63
N GLN A 60 -3.09 -15.54 -0.46
CA GLN A 60 -3.95 -16.57 0.09
C GLN A 60 -4.87 -17.11 -0.99
N ASP A 61 -4.90 -18.44 -1.11
CA ASP A 61 -5.99 -19.17 -1.75
C ASP A 61 -7.32 -18.59 -1.32
N ARG A 62 -8.00 -17.88 -2.23
CA ARG A 62 -9.41 -17.56 -2.09
C ARG A 62 -10.07 -17.68 -3.47
N LYS A 63 -11.30 -18.20 -3.48
CA LYS A 63 -12.10 -18.19 -4.69
C LYS A 63 -12.43 -16.75 -5.07
N LEU A 64 -11.98 -16.33 -6.26
CA LEU A 64 -12.31 -15.03 -6.80
C LEU A 64 -13.49 -15.16 -7.77
N THR A 65 -14.31 -14.12 -7.82
CA THR A 65 -15.36 -14.01 -8.82
C THR A 65 -14.73 -13.77 -10.19
N LYS A 66 -15.53 -13.95 -11.25
CA LYS A 66 -15.04 -13.79 -12.61
C LYS A 66 -14.52 -12.37 -12.80
N SER A 67 -15.28 -11.39 -12.30
CA SER A 67 -14.93 -9.99 -12.46
C SER A 67 -13.58 -9.70 -11.82
N GLU A 68 -13.34 -10.31 -10.65
CA GLU A 68 -12.15 -10.01 -9.87
C GLU A 68 -10.92 -10.48 -10.63
N ARG A 69 -11.04 -11.66 -11.25
CA ARG A 69 -9.92 -12.29 -11.95
C ARG A 69 -9.51 -11.41 -13.12
N GLN A 70 -10.50 -10.81 -13.78
CA GLN A 70 -10.28 -10.12 -15.03
C GLN A 70 -9.78 -8.71 -14.76
N ARG A 71 -10.41 -8.04 -13.79
CA ARG A 71 -9.93 -6.74 -13.33
C ARG A 71 -8.44 -6.84 -12.99
N PHE A 72 -8.05 -7.94 -12.33
CA PHE A 72 -6.72 -8.01 -11.73
C PHE A 72 -5.69 -8.27 -12.82
N LYS A 73 -6.00 -9.18 -13.75
CA LYS A 73 -5.06 -9.56 -14.78
C LYS A 73 -4.81 -8.37 -15.70
N GLU A 74 -5.85 -7.55 -15.88
CA GLU A 74 -5.76 -6.37 -16.72
C GLU A 74 -4.87 -5.33 -16.04
N GLU A 75 -5.13 -5.05 -14.77
CA GLU A 75 -4.40 -4.02 -14.04
C GLU A 75 -2.94 -4.44 -13.90
N ALA A 76 -2.72 -5.74 -13.67
CA ALA A 76 -1.37 -6.27 -13.52
C ALA A 76 -0.55 -5.93 -14.76
N GLU A 77 -1.12 -6.20 -15.93
CA GLU A 77 -0.45 -5.99 -17.21
C GLU A 77 0.09 -4.56 -17.26
N MET A 78 -0.68 -3.62 -16.73
CA MET A 78 -0.43 -2.19 -16.95
C MET A 78 0.71 -1.72 -16.05
N LEU A 79 1.00 -2.52 -15.01
CA LEU A 79 2.04 -2.17 -14.04
C LEU A 79 3.42 -2.48 -14.63
N LYS A 80 3.43 -3.23 -15.74
CA LYS A 80 4.56 -4.10 -16.04
C LYS A 80 5.81 -3.28 -16.35
N GLY A 81 5.63 -2.13 -17.00
CA GLY A 81 6.74 -1.35 -17.49
C GLY A 81 7.16 -0.25 -16.52
N LEU A 82 6.37 -0.06 -15.46
CA LEU A 82 6.36 1.19 -14.73
C LEU A 82 7.62 1.30 -13.87
N GLN A 83 8.30 2.45 -13.99
CA GLN A 83 9.50 2.72 -13.23
C GLN A 83 9.45 4.13 -12.67
N HIS A 84 9.53 4.24 -11.34
CA HIS A 84 9.56 5.51 -10.64
C HIS A 84 10.18 5.31 -9.25
N PRO A 85 10.92 6.31 -8.73
CA PRO A 85 11.71 6.12 -7.51
C PRO A 85 10.85 5.74 -6.31
N ASN A 86 9.59 6.19 -6.31
CA ASN A 86 8.75 6.09 -5.13
C ASN A 86 7.61 5.10 -5.40
N ILE A 87 7.89 4.14 -6.30
CA ILE A 87 6.99 3.03 -6.56
C ILE A 87 7.79 1.73 -6.51
N VAL A 88 7.25 0.72 -5.84
CA VAL A 88 7.82 -0.61 -5.87
C VAL A 88 7.47 -1.27 -7.20
N ARG A 89 8.51 -1.71 -7.92
CA ARG A 89 8.34 -2.23 -9.28
C ARG A 89 7.58 -3.56 -9.23
N PHE A 90 6.73 -3.77 -10.24
CA PHE A 90 6.04 -5.03 -10.42
C PHE A 90 6.55 -5.73 -11.69
N TYR A 91 6.80 -7.03 -11.59
CA TYR A 91 7.45 -7.76 -12.67
C TYR A 91 6.45 -8.68 -13.36
N ASP A 92 5.76 -9.52 -12.58
CA ASP A 92 4.85 -10.48 -13.18
C ASP A 92 3.98 -11.13 -12.11
N SER A 93 2.98 -11.88 -12.58
CA SER A 93 2.09 -12.64 -11.71
C SER A 93 1.40 -13.74 -12.51
N TRP A 94 0.99 -14.79 -11.79
CA TRP A 94 0.36 -15.95 -12.39
C TRP A 94 -0.20 -16.82 -11.26
N GLU A 95 -1.13 -17.71 -11.61
CA GLU A 95 -1.66 -18.68 -10.66
C GLU A 95 -0.65 -19.81 -10.49
N SER A 96 -0.52 -20.29 -9.26
CA SER A 96 0.48 -21.30 -8.92
C SER A 96 -0.15 -22.33 -8.00
N THR A 97 0.39 -23.56 -8.02
CA THR A 97 0.03 -24.57 -7.02
C THR A 97 1.26 -25.38 -6.64
N VAL A 98 1.26 -25.88 -5.40
CA VAL A 98 2.18 -26.94 -4.99
C VAL A 98 1.46 -27.80 -3.95
N LYS A 99 1.55 -29.12 -4.13
CA LYS A 99 0.71 -30.04 -3.39
C LYS A 99 -0.74 -29.56 -3.48
N GLY A 100 -1.35 -29.32 -2.31
CA GLY A 100 -2.78 -29.09 -2.21
C GLY A 100 -3.11 -27.60 -2.12
N LYS A 101 -2.08 -26.75 -2.27
CA LYS A 101 -2.25 -25.32 -2.06
C LYS A 101 -2.12 -24.59 -3.39
N LYS A 102 -3.15 -23.79 -3.71
CA LYS A 102 -3.16 -22.92 -4.87
C LYS A 102 -3.06 -21.47 -4.39
N CYS A 103 -2.49 -20.60 -5.23
CA CYS A 103 -2.35 -19.20 -4.88
C CYS A 103 -2.05 -18.38 -6.13
N ILE A 104 -2.16 -17.06 -6.00
CA ILE A 104 -1.62 -16.12 -6.97
C ILE A 104 -0.22 -15.71 -6.52
N VAL A 105 0.73 -15.76 -7.46
CA VAL A 105 2.07 -15.26 -7.23
C VAL A 105 2.21 -13.90 -7.93
N LEU A 106 2.71 -12.91 -7.20
CA LEU A 106 3.35 -11.75 -7.81
C LEU A 106 4.86 -11.84 -7.61
N VAL A 107 5.61 -11.49 -8.65
CA VAL A 107 7.03 -11.17 -8.49
C VAL A 107 7.22 -9.67 -8.64
N THR A 108 7.84 -9.07 -7.62
CA THR A 108 8.02 -7.63 -7.57
C THR A 108 9.42 -7.32 -7.06
N GLU A 109 9.78 -6.04 -7.14
CA GLU A 109 10.97 -5.53 -6.48
C GLU A 109 10.91 -5.85 -5.00
N LEU A 110 12.07 -6.16 -4.41
CA LEU A 110 12.16 -6.69 -3.07
C LEU A 110 12.57 -5.56 -2.12
N MET A 111 11.76 -5.34 -1.08
CA MET A 111 12.03 -4.31 -0.10
C MET A 111 12.31 -4.97 1.24
N THR A 112 13.58 -5.06 1.61
CA THR A 112 13.97 -5.95 2.70
C THR A 112 13.90 -5.20 4.03
N SER A 113 13.62 -3.89 3.97
CA SER A 113 13.51 -3.08 5.18
C SER A 113 12.05 -3.01 5.64
N GLY A 114 11.13 -3.58 4.83
CA GLY A 114 9.75 -3.71 5.24
C GLY A 114 9.04 -2.36 5.30
N THR A 115 7.95 -2.30 6.09
CA THR A 115 6.88 -1.34 5.85
C THR A 115 7.06 -0.11 6.74
N LEU A 116 6.32 0.95 6.40
CA LEU A 116 6.24 2.16 7.19
C LEU A 116 5.61 1.83 8.54
N LYS A 117 4.62 0.94 8.53
CA LYS A 117 3.91 0.54 9.74
C LYS A 117 4.91 -0.04 10.74
N THR A 118 5.73 -0.98 10.28
CA THR A 118 6.71 -1.63 11.13
C THR A 118 7.61 -0.57 11.75
N TYR A 119 8.11 0.34 10.91
CA TYR A 119 8.97 1.41 11.36
C TYR A 119 8.29 2.22 12.46
N LEU A 120 7.01 2.57 12.24
CA LEU A 120 6.33 3.49 13.14
C LEU A 120 6.07 2.78 14.47
N LYS A 121 6.09 1.44 14.44
CA LYS A 121 5.93 0.65 15.66
C LYS A 121 7.21 0.75 16.49
N ARG A 122 8.34 0.90 15.80
CA ARG A 122 9.65 0.90 16.44
C ARG A 122 9.97 2.30 16.92
N PHE A 123 9.65 3.28 16.08
CA PHE A 123 10.04 4.66 16.31
C PHE A 123 8.79 5.54 16.37
N LYS A 124 8.43 5.97 17.58
CA LYS A 124 7.10 6.48 17.84
C LYS A 124 7.11 8.00 17.70
N VAL A 125 8.30 8.57 17.47
CA VAL A 125 8.45 10.01 17.29
C VAL A 125 9.19 10.28 15.99
N MET A 126 8.50 10.91 15.04
CA MET A 126 9.09 11.24 13.75
C MET A 126 9.59 12.69 13.76
N LYS A 127 10.71 12.94 13.08
CA LYS A 127 11.23 14.28 12.92
C LYS A 127 10.50 14.96 11.76
N ILE A 128 10.22 16.26 11.93
CA ILE A 128 9.46 17.00 10.94
C ILE A 128 10.12 16.85 9.57
N LYS A 129 11.45 16.87 9.56
CA LYS A 129 12.21 16.82 8.32
C LYS A 129 11.89 15.51 7.59
N VAL A 130 11.77 14.41 8.35
CA VAL A 130 11.59 13.10 7.77
C VAL A 130 10.14 12.98 7.29
N LEU A 131 9.21 13.52 8.09
CA LEU A 131 7.80 13.51 7.78
C LEU A 131 7.56 14.29 6.49
N ARG A 132 8.26 15.42 6.34
CA ARG A 132 8.12 16.26 5.16
C ARG A 132 8.61 15.50 3.93
N SER A 133 9.79 14.90 4.04
CA SER A 133 10.47 14.36 2.88
C SER A 133 9.78 13.08 2.42
N TRP A 134 9.29 12.28 3.38
CA TRP A 134 8.66 11.01 3.07
C TRP A 134 7.27 11.23 2.50
N CYS A 135 6.51 12.16 3.11
CA CYS A 135 5.19 12.50 2.61
C CYS A 135 5.28 13.06 1.20
N ARG A 136 6.34 13.84 0.93
CA ARG A 136 6.56 14.38 -0.40
C ARG A 136 6.76 13.24 -1.39
N GLN A 137 7.56 12.25 -1.00
CA GLN A 137 7.85 11.14 -1.88
C GLN A 137 6.58 10.35 -2.21
N ILE A 138 5.72 10.17 -1.20
CA ILE A 138 4.47 9.47 -1.41
C ILE A 138 3.67 10.22 -2.47
N LEU A 139 3.67 11.55 -2.37
CA LEU A 139 2.89 12.38 -3.27
C LEU A 139 3.44 12.27 -4.70
N LYS A 140 4.77 12.29 -4.84
CA LYS A 140 5.39 12.10 -6.13
C LYS A 140 4.99 10.75 -6.70
N GLY A 141 4.96 9.73 -5.85
CA GLY A 141 4.52 8.40 -6.24
C GLY A 141 3.08 8.43 -6.76
N LEU A 142 2.18 9.02 -5.97
CA LEU A 142 0.78 9.06 -6.31
C LEU A 142 0.60 9.83 -7.62
N GLN A 143 1.36 10.91 -7.79
CA GLN A 143 1.23 11.74 -8.97
C GLN A 143 1.68 10.98 -10.20
N PHE A 144 2.74 10.17 -10.05
CA PHE A 144 3.19 9.32 -11.14
C PHE A 144 2.07 8.36 -11.54
N LEU A 145 1.43 7.72 -10.55
CA LEU A 145 0.38 6.76 -10.82
C LEU A 145 -0.79 7.44 -11.51
N HIS A 146 -1.18 8.61 -10.98
CA HIS A 146 -2.40 9.27 -11.40
C HIS A 146 -2.28 9.78 -12.83
N THR A 147 -1.05 9.83 -13.35
CA THR A 147 -0.81 10.46 -14.64
C THR A 147 -0.42 9.43 -15.68
N ARG A 148 -0.50 8.14 -15.33
CA ARG A 148 -0.41 7.09 -16.32
C ARG A 148 -1.63 7.16 -17.22
N THR A 149 -1.62 6.40 -18.32
CA THR A 149 -2.78 6.27 -19.18
C THR A 149 -3.13 4.80 -19.35
N PRO A 150 -4.30 4.34 -18.84
CA PRO A 150 -5.17 5.19 -18.03
C PRO A 150 -4.55 5.48 -16.67
N PRO A 151 -5.08 6.47 -15.90
CA PRO A 151 -4.58 6.75 -14.56
C PRO A 151 -4.70 5.51 -13.69
N ILE A 152 -3.68 5.27 -12.85
CA ILE A 152 -3.75 4.23 -11.84
C ILE A 152 -4.05 4.89 -10.51
N ILE A 153 -5.15 4.45 -9.88
CA ILE A 153 -5.52 4.87 -8.53
C ILE A 153 -5.26 3.71 -7.58
N HIS A 154 -4.57 4.01 -6.47
CA HIS A 154 -4.14 2.96 -5.56
C HIS A 154 -5.35 2.33 -4.87
N ARG A 155 -6.09 3.16 -4.12
CA ARG A 155 -7.40 2.82 -3.60
C ARG A 155 -7.31 2.16 -2.22
N ASP A 156 -6.09 1.77 -1.82
CA ASP A 156 -5.92 1.11 -0.53
C ASP A 156 -4.57 1.48 0.07
N LEU A 157 -4.18 2.75 -0.09
CA LEU A 157 -2.89 3.21 0.40
C LEU A 157 -2.93 3.23 1.94
N LYS A 158 -1.91 2.65 2.56
CA LYS A 158 -1.78 2.72 4.01
C LYS A 158 -0.32 2.51 4.39
N CYS A 159 0.00 2.77 5.67
CA CYS A 159 1.36 2.63 6.14
C CYS A 159 1.84 1.19 5.98
N ASP A 160 0.87 0.26 5.84
CA ASP A 160 1.14 -1.16 5.77
C ASP A 160 1.74 -1.53 4.41
N ASN A 161 1.59 -0.64 3.42
CA ASN A 161 2.00 -0.96 2.06
C ASN A 161 2.81 0.19 1.48
N ILE A 162 3.34 1.03 2.36
CA ILE A 162 4.44 1.92 2.02
C ILE A 162 5.73 1.36 2.60
N PHE A 163 6.76 1.26 1.76
CA PHE A 163 7.97 0.53 2.09
C PHE A 163 9.13 1.51 2.21
N ILE A 164 10.04 1.26 3.16
CA ILE A 164 11.24 2.07 3.32
C ILE A 164 12.40 1.35 2.66
N THR A 165 13.23 2.11 1.94
CA THR A 165 14.36 1.55 1.21
C THR A 165 15.48 1.19 2.19
N GLY A 166 15.37 1.73 3.41
CA GLY A 166 16.52 1.93 4.27
C GLY A 166 16.22 2.95 5.37
N PRO A 167 16.80 2.78 6.58
CA PRO A 167 16.49 3.65 7.71
C PRO A 167 16.60 5.14 7.37
N THR A 168 17.48 5.47 6.41
CA THR A 168 17.65 6.84 5.97
C THR A 168 17.42 6.93 4.47
N GLY A 169 16.63 6.00 3.93
CA GLY A 169 16.30 5.99 2.52
C GLY A 169 15.00 6.72 2.23
N SER A 170 14.46 6.48 1.03
CA SER A 170 13.18 7.02 0.62
C SER A 170 12.09 5.99 0.87
N VAL A 171 10.85 6.34 0.50
CA VAL A 171 9.74 5.41 0.60
C VAL A 171 9.28 5.05 -0.80
N LYS A 172 8.65 3.88 -0.92
CA LYS A 172 8.06 3.41 -2.17
C LYS A 172 6.67 2.86 -1.87
N ILE A 173 5.71 3.20 -2.74
CA ILE A 173 4.37 2.67 -2.62
C ILE A 173 4.34 1.26 -3.19
N GLY A 174 3.89 0.30 -2.38
CA GLY A 174 3.63 -1.06 -2.84
C GLY A 174 2.13 -1.33 -2.97
N ASP A 175 1.79 -2.61 -3.15
CA ASP A 175 0.41 -3.08 -3.13
C ASP A 175 -0.33 -2.59 -4.37
N LEU A 176 0.42 -2.22 -5.42
CA LEU A 176 -0.17 -1.72 -6.65
C LEU A 176 -1.08 -2.79 -7.25
N GLY A 177 -2.35 -2.42 -7.49
CA GLY A 177 -3.26 -3.24 -8.26
C GLY A 177 -4.05 -4.22 -7.39
N LEU A 178 -3.62 -4.40 -6.14
CA LEU A 178 -4.18 -5.43 -5.29
C LEU A 178 -5.53 -4.98 -4.74
N ALA A 179 -5.82 -3.68 -4.84
CA ALA A 179 -7.09 -3.15 -4.39
C ALA A 179 -8.22 -3.87 -5.11
N THR A 180 -7.93 -4.37 -6.31
CA THR A 180 -8.94 -5.02 -7.12
C THR A 180 -9.45 -6.27 -6.40
N LEU A 181 -8.67 -6.76 -5.43
CA LEU A 181 -8.99 -7.99 -4.73
C LEU A 181 -9.46 -7.69 -3.31
N LYS A 182 -9.31 -6.44 -2.87
CA LYS A 182 -9.98 -5.98 -1.67
C LYS A 182 -11.49 -6.04 -1.91
N ARG A 183 -12.24 -6.56 -0.94
CA ARG A 183 -13.68 -6.62 -1.14
C ARG A 183 -14.36 -5.48 -0.39
N ALA A 184 -14.11 -4.26 -0.86
CA ALA A 184 -14.35 -3.05 -0.08
C ALA A 184 -15.83 -2.95 0.26
N SER A 185 -16.68 -3.48 -0.63
CA SER A 185 -18.12 -3.33 -0.47
C SER A 185 -18.70 -4.55 0.26
N PHE A 186 -17.84 -5.51 0.62
CA PHE A 186 -18.27 -6.78 1.18
C PHE A 186 -18.46 -6.65 2.68
N ALA A 187 -19.39 -7.44 3.23
CA ALA A 187 -19.42 -7.73 4.65
C ALA A 187 -18.19 -8.56 5.02
N LYS A 188 -17.65 -8.33 6.22
CA LYS A 188 -16.36 -8.89 6.60
C LYS A 188 -16.30 -9.15 8.10
N ALA A 189 -15.48 -10.12 8.48
CA ALA A 189 -15.40 -10.60 9.86
C ALA A 189 -14.71 -9.54 10.72
N VAL A 190 -15.18 -9.40 11.96
CA VAL A 190 -14.52 -8.55 12.94
C VAL A 190 -13.29 -9.27 13.47
N ILE A 191 -12.13 -8.99 12.87
CA ILE A 191 -10.87 -9.51 13.36
C ILE A 191 -9.79 -8.45 13.17
N GLY A 192 -8.88 -8.35 14.15
CA GLY A 192 -7.79 -7.39 14.10
C GLY A 192 -8.28 -5.97 14.40
N THR A 193 -7.42 -4.99 14.11
CA THR A 193 -7.77 -3.59 14.29
C THR A 193 -8.77 -3.18 13.22
N PRO A 194 -9.91 -2.55 13.60
CA PRO A 194 -10.92 -2.13 12.63
C PRO A 194 -10.33 -1.06 11.72
N GLU A 195 -10.66 -1.15 10.42
CA GLU A 195 -10.13 -0.23 9.43
C GLU A 195 -11.19 0.80 9.07
N PHE A 196 -10.73 1.98 8.64
CA PHE A 196 -11.56 2.95 7.95
C PHE A 196 -11.24 2.90 6.45
N MET A 197 -12.11 3.53 5.65
CA MET A 197 -11.72 3.98 4.32
C MET A 197 -12.43 5.29 4.02
N ALA A 198 -12.07 5.92 2.90
CA ALA A 198 -12.68 7.16 2.48
C ALA A 198 -14.20 6.98 2.39
N PRO A 199 -15.00 7.99 2.78
CA PRO A 199 -16.45 7.89 2.79
C PRO A 199 -17.03 7.22 1.55
N GLU A 200 -16.54 7.63 0.38
CA GLU A 200 -17.17 7.27 -0.89
C GLU A 200 -16.73 5.87 -1.30
N MET A 201 -15.67 5.39 -0.64
CA MET A 201 -15.03 4.14 -1.05
C MET A 201 -15.80 2.94 -0.51
N TYR A 202 -16.62 3.17 0.53
CA TYR A 202 -17.43 2.10 1.08
C TYR A 202 -18.45 1.64 0.04
N GLU A 203 -18.71 2.48 -0.96
CA GLU A 203 -19.61 2.11 -2.05
C GLU A 203 -18.88 2.22 -3.38
N GLU A 204 -17.56 2.40 -3.32
CA GLU A 204 -16.69 2.26 -4.47
C GLU A 204 -17.03 3.32 -5.52
N LYS A 205 -17.48 4.50 -5.06
CA LYS A 205 -17.70 5.63 -5.95
C LYS A 205 -16.55 6.62 -5.81
N TYR A 206 -15.40 6.27 -6.40
CA TYR A 206 -14.14 6.93 -6.08
C TYR A 206 -13.53 7.52 -7.34
N ASP A 207 -12.56 8.42 -7.15
CA ASP A 207 -11.58 8.76 -8.17
C ASP A 207 -10.24 9.01 -7.48
N GLU A 208 -9.41 9.87 -8.09
CA GLU A 208 -8.03 10.04 -7.69
C GLU A 208 -8.00 10.54 -6.24
N SER A 209 -9.11 11.15 -5.80
CA SER A 209 -9.15 11.84 -4.52
C SER A 209 -9.25 10.85 -3.37
N VAL A 210 -9.50 9.58 -3.68
CA VAL A 210 -9.53 8.56 -2.64
C VAL A 210 -8.11 8.40 -2.08
N ASP A 211 -7.12 8.58 -2.97
CA ASP A 211 -5.71 8.45 -2.62
C ASP A 211 -5.27 9.64 -1.77
N VAL A 212 -5.90 10.80 -1.99
CA VAL A 212 -5.57 12.00 -1.25
C VAL A 212 -6.03 11.83 0.19
N TYR A 213 -7.24 11.32 0.37
CA TYR A 213 -7.80 11.04 1.69
C TYR A 213 -6.90 10.03 2.41
N ALA A 214 -6.52 8.95 1.71
CA ALA A 214 -5.68 7.93 2.30
C ALA A 214 -4.33 8.51 2.69
N PHE A 215 -3.81 9.40 1.83
CA PHE A 215 -2.53 10.05 2.08
C PHE A 215 -2.60 10.84 3.39
N GLY A 216 -3.68 11.62 3.53
CA GLY A 216 -3.89 12.43 4.72
C GLY A 216 -3.92 11.57 5.98
N MET A 217 -4.54 10.40 5.89
CA MET A 217 -4.66 9.50 7.03
C MET A 217 -3.29 8.89 7.34
N CYS A 218 -2.48 8.68 6.29
CA CYS A 218 -1.12 8.19 6.46
C CYS A 218 -0.27 9.24 7.18
N MET A 219 -0.44 10.50 6.75
CA MET A 219 0.29 11.62 7.34
C MET A 219 -0.09 11.79 8.80
N LEU A 220 -1.39 11.68 9.10
CA LEU A 220 -1.89 11.74 10.47
C LEU A 220 -1.20 10.68 11.31
N GLU A 221 -1.15 9.45 10.80
CA GLU A 221 -0.58 8.33 11.54
C GLU A 221 0.89 8.60 11.81
N MET A 222 1.59 9.15 10.82
CA MET A 222 3.02 9.42 10.93
C MET A 222 3.27 10.48 12.00
N ALA A 223 2.34 11.44 12.11
CA ALA A 223 2.56 12.62 12.95
C ALA A 223 2.20 12.33 14.40
N THR A 224 1.33 11.32 14.60
CA THR A 224 0.73 11.06 15.90
C THR A 224 1.21 9.72 16.42
N SER A 225 1.59 8.83 15.49
CA SER A 225 2.15 7.54 15.85
C SER A 225 1.07 6.63 16.45
N GLU A 226 -0.17 6.84 16.01
CA GLU A 226 -1.25 5.89 16.29
C GLU A 226 -2.10 5.70 15.05
N TYR A 227 -2.73 4.52 14.94
CA TYR A 227 -3.70 4.28 13.89
C TYR A 227 -4.99 5.04 14.20
N PRO A 228 -5.49 5.88 13.27
CA PRO A 228 -6.69 6.67 13.51
C PRO A 228 -7.87 5.79 13.93
N TYR A 229 -8.71 6.32 14.84
CA TYR A 229 -10.00 5.75 15.17
C TYR A 229 -9.82 4.57 16.11
N SER A 230 -8.75 4.59 16.91
CA SER A 230 -8.48 3.54 17.87
C SER A 230 -9.48 3.60 19.02
N GLU A 231 -10.35 4.63 19.00
CA GLU A 231 -11.35 4.79 20.04
C GLU A 231 -12.57 3.93 19.72
N CYS A 232 -12.59 3.34 18.52
CA CYS A 232 -13.70 2.52 18.08
C CYS A 232 -13.31 1.03 18.20
N GLN A 233 -14.32 0.19 18.44
CA GLN A 233 -14.08 -1.23 18.70
C GLN A 233 -14.26 -2.03 17.41
N ASN A 234 -15.02 -1.47 16.46
CA ASN A 234 -15.30 -2.19 15.23
C ASN A 234 -15.49 -1.22 14.07
N ALA A 235 -15.51 -1.78 12.85
CA ALA A 235 -15.44 -0.99 11.63
C ALA A 235 -16.80 -0.34 11.37
N ALA A 236 -17.83 -0.85 12.05
CA ALA A 236 -19.17 -0.31 11.92
C ALA A 236 -19.25 1.05 12.62
N GLN A 237 -18.73 1.11 13.85
CA GLN A 237 -18.62 2.37 14.58
C GLN A 237 -17.86 3.37 13.72
N ILE A 238 -16.73 2.94 13.16
CA ILE A 238 -15.88 3.82 12.38
C ILE A 238 -16.66 4.32 11.18
N TYR A 239 -17.33 3.40 10.48
CA TYR A 239 -18.11 3.77 9.31
C TYR A 239 -19.01 4.95 9.64
N ARG A 240 -19.71 4.86 10.79
CA ARG A 240 -20.72 5.84 11.14
C ARG A 240 -20.07 7.20 11.34
N ARG A 241 -18.84 7.21 11.88
CA ARG A 241 -18.12 8.44 12.10
C ARG A 241 -17.66 9.02 10.76
N VAL A 242 -17.00 8.18 9.95
CA VAL A 242 -16.43 8.64 8.69
C VAL A 242 -17.52 9.28 7.83
N THR A 243 -18.68 8.61 7.75
CA THR A 243 -19.70 9.01 6.81
C THR A 243 -20.59 10.09 7.42
N SER A 244 -20.17 10.62 8.57
CA SER A 244 -20.91 11.69 9.22
C SER A 244 -19.95 12.81 9.62
N GLY A 245 -18.72 12.77 9.10
CA GLY A 245 -17.83 13.92 9.13
C GLY A 245 -17.05 14.00 10.43
N VAL A 246 -17.22 12.98 11.28
CA VAL A 246 -16.55 12.94 12.56
C VAL A 246 -15.10 12.46 12.36
N LYS A 247 -14.15 13.32 12.70
CA LYS A 247 -12.74 13.03 12.55
C LYS A 247 -12.31 12.02 13.63
N PRO A 248 -11.16 11.34 13.45
CA PRO A 248 -10.61 10.49 14.50
C PRO A 248 -10.03 11.35 15.63
N ALA A 249 -10.19 10.88 16.87
CA ALA A 249 -9.72 11.61 18.03
C ALA A 249 -8.31 12.12 17.78
N SER A 250 -7.47 11.30 17.15
CA SER A 250 -6.05 11.54 17.08
C SER A 250 -5.75 12.81 16.28
N PHE A 251 -6.75 13.26 15.51
CA PHE A 251 -6.62 14.47 14.73
C PHE A 251 -6.19 15.63 15.62
N ASP A 252 -6.70 15.63 16.86
CA ASP A 252 -6.58 16.79 17.73
C ASP A 252 -5.24 16.73 18.47
N LYS A 253 -4.41 15.75 18.13
CA LYS A 253 -3.17 15.51 18.84
C LYS A 253 -1.99 15.89 17.95
N VAL A 254 -2.29 16.35 16.74
CA VAL A 254 -1.25 16.86 15.84
C VAL A 254 -0.69 18.15 16.44
N ALA A 255 0.62 18.14 16.68
CA ALA A 255 1.27 19.17 17.45
C ALA A 255 1.49 20.42 16.59
N ILE A 256 1.72 20.19 15.29
CA ILE A 256 2.31 21.21 14.44
C ILE A 256 1.25 21.75 13.49
N PRO A 257 0.96 23.07 13.53
CA PRO A 257 -0.20 23.64 12.84
C PRO A 257 -0.24 23.37 11.34
N GLU A 258 0.93 23.37 10.70
CA GLU A 258 1.00 23.28 9.25
C GLU A 258 0.69 21.85 8.81
N VAL A 259 1.11 20.87 9.62
CA VAL A 259 0.83 19.47 9.33
C VAL A 259 -0.67 19.24 9.47
N LYS A 260 -1.25 19.80 10.53
CA LYS A 260 -2.66 19.60 10.84
C LYS A 260 -3.51 20.16 9.70
N GLU A 261 -3.07 21.31 9.15
CA GLU A 261 -3.80 21.97 8.08
C GLU A 261 -3.83 21.07 6.84
N ILE A 262 -2.67 20.51 6.51
CA ILE A 262 -2.55 19.66 5.33
C ILE A 262 -3.44 18.44 5.50
N ILE A 263 -3.33 17.79 6.66
CA ILE A 263 -4.17 16.63 6.94
C ILE A 263 -5.64 17.01 6.76
N GLU A 264 -6.01 18.18 7.28
CA GLU A 264 -7.40 18.62 7.29
C GLU A 264 -7.89 18.77 5.85
N GLY A 265 -7.05 19.40 5.01
CA GLY A 265 -7.34 19.56 3.60
C GLY A 265 -7.57 18.24 2.89
N CYS A 266 -6.97 17.17 3.43
CA CYS A 266 -6.86 15.90 2.73
C CYS A 266 -8.03 14.98 3.07
N ILE A 267 -8.51 15.05 4.32
CA ILE A 267 -9.39 14.02 4.83
C ILE A 267 -10.83 14.54 4.90
N ARG A 268 -11.16 15.53 4.08
CA ARG A 268 -12.49 16.10 4.06
C ARG A 268 -13.50 15.05 3.61
N GLN A 269 -14.71 15.13 4.17
CA GLN A 269 -15.75 14.16 3.88
C GLN A 269 -16.04 14.18 2.37
N ASN A 270 -16.29 15.36 1.83
CA ASN A 270 -16.67 15.50 0.44
C ASN A 270 -15.42 15.47 -0.44
N LYS A 271 -15.34 14.46 -1.31
CA LYS A 271 -14.12 14.19 -2.06
C LYS A 271 -13.74 15.42 -2.90
N ASP A 272 -14.75 16.18 -3.34
CA ASP A 272 -14.54 17.27 -4.27
C ASP A 272 -13.91 18.45 -3.53
N GLU A 273 -13.90 18.40 -2.20
CA GLU A 273 -13.46 19.51 -1.38
C GLU A 273 -11.99 19.33 -1.00
N ARG A 274 -11.41 18.20 -1.40
CA ARG A 274 -10.08 17.82 -0.95
C ARG A 274 -9.03 18.53 -1.80
N TYR A 275 -7.89 18.86 -1.20
CA TYR A 275 -6.68 19.20 -1.93
C TYR A 275 -6.54 18.24 -3.12
N SER A 276 -6.06 18.78 -4.25
CA SER A 276 -5.46 17.96 -5.29
C SER A 276 -4.00 17.67 -4.96
N ILE A 277 -3.45 16.64 -5.61
CA ILE A 277 -2.03 16.32 -5.48
C ILE A 277 -1.22 17.54 -5.91
N LYS A 278 -1.64 18.18 -7.00
CA LYS A 278 -0.92 19.34 -7.52
C LYS A 278 -0.84 20.41 -6.43
N ASP A 279 -1.97 20.72 -5.81
CA ASP A 279 -2.00 21.66 -4.71
C ASP A 279 -0.93 21.29 -3.70
N LEU A 280 -0.93 20.02 -3.29
CA LEU A 280 -0.20 19.60 -2.11
C LEU A 280 1.30 19.74 -2.38
N LEU A 281 1.72 19.41 -3.60
CA LEU A 281 3.11 19.48 -3.97
C LEU A 281 3.55 20.94 -4.08
N ASN A 282 2.57 21.83 -4.22
CA ASN A 282 2.83 23.25 -4.42
C ASN A 282 2.87 23.96 -3.07
N HIS A 283 2.39 23.27 -2.03
CA HIS A 283 2.17 23.88 -0.73
C HIS A 283 3.51 24.23 -0.09
N ALA A 284 3.52 25.33 0.68
CA ALA A 284 4.73 25.81 1.32
C ALA A 284 5.46 24.64 1.99
N PHE A 285 4.68 23.80 2.71
CA PHE A 285 5.25 22.77 3.55
C PHE A 285 6.15 21.85 2.72
N PHE A 286 5.79 21.69 1.44
CA PHE A 286 6.45 20.71 0.59
C PHE A 286 7.40 21.42 -0.38
N GLN A 287 7.48 22.74 -0.26
CA GLN A 287 8.31 23.56 -1.13
C GLN A 287 9.57 23.99 -0.36
N GLU A 288 9.95 23.18 0.62
CA GLU A 288 11.01 23.54 1.55
C GLU A 288 10.72 24.92 2.15
#